data_3SZO
#
_entry.id   3SZO
#
_cell.length_a   70.890
_cell.length_b   80.580
_cell.length_c   111.090
_cell.angle_alpha   90.00
_cell.angle_beta   90.00
_cell.angle_gamma   90.00
#
_symmetry.space_group_name_H-M   'P 21 21 21'
#
loop_
_entity.id
_entity.type
_entity.pdbx_description
1 polymer '4-hydroxy-3-methylbut-2-enyl diphosphate reductase'
2 non-polymer 'IRON/SULFUR CLUSTER'
3 non-polymer '(2E)-4-hydroxy-3-methylbut-2-en-1-yl trihydrogen diphosphate'
4 water water
#
_entity_poly.entity_id   1
_entity_poly.type   'polypeptide(L)'
_entity_poly.pdbx_seq_one_letter_code
;MRGSHHHHHHGSMQILLANPRGFCAGVDRAISIVENALAIYGAPIYVRHEVVHNRYVVDSLRERGAIFIEQISEVPDGAI
LIFSAHGVSQAVRNEAKSRDLTVFDATCPLVTKVHMEVARASRRGEESILIGHAGHPEVEGTMGQYSNPEGGMYLVESPD
DVWKLTVKNEEKLSFMTQTTLSVDDTSDVIDALRKRFPKIVGPRKDDICYATTNRQEAVRALAEQAEVVLVVGSKNSSNS
NRLAELAQRMGKRAFLIDDAKDIQEEWVKEVKCVGVTAGASAPDILVQNVVARLQQLGGGEAIPLEGREENIVFEVPKEL
RVDIREVD
;
_entity_poly.pdbx_strand_id   A,B
#
# COMPACT_ATOMS: atom_id res chain seq x y z
N MET A 13 7.68 -25.09 30.27
CA MET A 13 8.09 -24.52 28.96
C MET A 13 7.25 -23.30 28.63
N GLN A 14 7.92 -22.23 28.24
CA GLN A 14 7.23 -20.99 27.92
C GLN A 14 6.97 -20.99 26.41
N ILE A 15 5.76 -20.58 26.01
CA ILE A 15 5.34 -20.51 24.60
C ILE A 15 5.17 -19.03 24.23
N LEU A 16 5.96 -18.60 23.25
CA LEU A 16 5.89 -17.24 22.78
C LEU A 16 5.33 -17.23 21.37
N LEU A 17 4.54 -16.21 21.07
CA LEU A 17 3.95 -16.07 19.72
C LEU A 17 4.53 -14.81 19.08
N ALA A 18 4.98 -14.96 17.85
CA ALA A 18 5.52 -13.79 17.10
C ALA A 18 4.39 -12.86 16.65
N ASN A 19 4.72 -11.58 16.53
CA ASN A 19 3.73 -10.59 16.07
C ASN A 19 4.41 -9.52 15.23
N PRO A 20 3.96 -9.33 13.98
CA PRO A 20 2.80 -10.05 13.38
C PRO A 20 3.15 -11.45 12.90
N ARG A 21 2.10 -12.20 12.60
CA ARG A 21 2.23 -13.56 12.06
C ARG A 21 0.98 -13.88 11.29
N GLY A 22 1.04 -14.92 10.43
CA GLY A 22 -0.16 -15.38 9.78
C GLY A 22 -0.64 -14.46 8.65
N PHE A 23 -1.90 -14.60 8.31
CA PHE A 23 -2.53 -13.95 7.14
C PHE A 23 -2.15 -12.51 6.92
N CYS A 24 -1.85 -12.25 5.63
CA CYS A 24 -1.57 -10.91 5.20
C CYS A 24 -2.79 -10.46 4.40
N ALA A 25 -2.81 -9.19 3.98
CA ALA A 25 -3.95 -8.65 3.21
C ALA A 25 -4.21 -9.35 1.93
N GLY A 26 -3.12 -9.68 1.19
CA GLY A 26 -3.31 -10.30 -0.12
C GLY A 26 -3.85 -11.72 -0.01
N VAL A 27 -3.40 -12.48 1.00
CA VAL A 27 -3.88 -13.88 1.18
C VAL A 27 -5.36 -13.85 1.61
N ASP A 28 -5.71 -12.91 2.50
CA ASP A 28 -7.10 -12.93 3.01
C ASP A 28 -8.06 -12.57 1.84
N ARG A 29 -7.63 -11.62 1.00
CA ARG A 29 -8.43 -11.21 -0.15
C ARG A 29 -8.60 -12.37 -1.13
N ALA A 30 -7.48 -13.03 -1.48
CA ALA A 30 -7.48 -14.12 -2.46
C ALA A 30 -8.36 -15.29 -2.02
N ILE A 31 -8.27 -15.69 -0.75
CA ILE A 31 -9.12 -16.76 -0.26
C ILE A 31 -10.59 -16.35 -0.30
N SER A 32 -10.90 -15.11 0.04
CA SER A 32 -12.27 -14.62 -0.03
C SER A 32 -12.81 -14.61 -1.44
N ILE A 33 -11.92 -14.34 -2.39
CA ILE A 33 -12.35 -14.29 -3.78
C ILE A 33 -12.86 -15.67 -4.17
N VAL A 34 -12.12 -16.72 -3.79
CA VAL A 34 -12.48 -18.07 -4.23
C VAL A 34 -13.77 -18.46 -3.43
N GLU A 35 -13.80 -18.24 -2.12
CA GLU A 35 -15.00 -18.58 -1.32
C GLU A 35 -16.24 -17.90 -1.87
N ASN A 36 -16.13 -16.60 -2.16
CA ASN A 36 -17.25 -15.84 -2.70
C ASN A 36 -17.69 -16.33 -4.07
N ALA A 37 -16.72 -16.68 -4.92
CA ALA A 37 -17.07 -17.21 -6.23
C ALA A 37 -17.85 -18.55 -6.12
N LEU A 38 -17.46 -19.34 -5.12
CA LEU A 38 -18.13 -20.61 -4.92
C LEU A 38 -19.56 -20.39 -4.44
N ALA A 39 -19.77 -19.35 -3.63
CA ALA A 39 -21.08 -19.12 -3.08
C ALA A 39 -22.00 -18.50 -4.12
N ILE A 40 -21.41 -17.70 -5.00
CA ILE A 40 -22.18 -17.00 -6.04
C ILE A 40 -22.53 -17.89 -7.23
N TYR A 41 -21.51 -18.57 -7.74
CA TYR A 41 -21.67 -19.36 -8.96
C TYR A 41 -21.74 -20.86 -8.74
N GLY A 42 -21.41 -21.31 -7.53
CA GLY A 42 -21.48 -22.74 -7.26
C GLY A 42 -20.25 -23.43 -7.79
N ALA A 43 -20.11 -24.71 -7.46
CA ALA A 43 -19.02 -25.52 -7.97
C ALA A 43 -19.34 -25.98 -9.40
N PRO A 44 -18.29 -26.16 -10.22
CA PRO A 44 -16.86 -25.98 -9.81
C PRO A 44 -16.33 -24.61 -10.16
N ILE A 45 -15.37 -24.16 -9.35
CA ILE A 45 -14.65 -22.91 -9.63
C ILE A 45 -13.23 -23.29 -9.91
N TYR A 46 -12.72 -22.94 -11.10
CA TYR A 46 -11.35 -23.24 -11.43
C TYR A 46 -10.44 -22.17 -10.92
N VAL A 47 -9.27 -22.61 -10.43
CA VAL A 47 -8.28 -21.72 -9.87
C VAL A 47 -6.94 -22.08 -10.47
N ARG A 48 -6.25 -21.15 -11.09
CA ARG A 48 -4.94 -21.39 -11.64
C ARG A 48 -3.88 -21.32 -10.54
N HIS A 49 -3.36 -22.49 -10.17
CA HIS A 49 -2.43 -22.68 -9.11
C HIS A 49 -3.10 -22.61 -7.74
N GLU A 50 -2.50 -23.25 -6.73
CA GLU A 50 -3.03 -23.10 -5.36
C GLU A 50 -3.27 -21.64 -5.11
N VAL A 51 -4.47 -21.27 -4.63
CA VAL A 51 -4.78 -19.86 -4.46
C VAL A 51 -3.73 -19.19 -3.56
N VAL A 52 -3.35 -19.88 -2.52
CA VAL A 52 -2.26 -19.47 -1.62
C VAL A 52 -1.54 -20.77 -1.34
N HIS A 53 -0.26 -20.68 -0.93
CA HIS A 53 0.48 -21.93 -0.66
C HIS A 53 0.25 -22.48 0.71
N ASN A 54 -0.97 -22.97 0.96
CA ASN A 54 -1.27 -23.60 2.24
C ASN A 54 -2.15 -24.81 2.00
N ARG A 55 -1.67 -25.96 2.44
CA ARG A 55 -2.37 -27.26 2.23
C ARG A 55 -3.78 -27.24 2.90
N TYR A 56 -3.86 -26.71 4.12
CA TYR A 56 -5.14 -26.70 4.85
C TYR A 56 -6.19 -25.89 4.07
N VAL A 57 -5.82 -24.72 3.60
CA VAL A 57 -6.72 -23.84 2.82
C VAL A 57 -7.09 -24.53 1.49
N VAL A 58 -6.09 -24.99 0.79
CA VAL A 58 -6.29 -25.59 -0.52
C VAL A 58 -7.20 -26.84 -0.39
N ASP A 59 -6.86 -27.73 0.55
CA ASP A 59 -7.66 -28.96 0.75
C ASP A 59 -9.10 -28.60 1.04
N SER A 60 -9.31 -27.57 1.85
CA SER A 60 -10.67 -27.17 2.20
C SER A 60 -11.43 -26.64 1.00
N LEU A 61 -10.75 -25.82 0.19
CA LEU A 61 -11.44 -25.25 -0.96
C LEU A 61 -11.78 -26.31 -1.98
N ARG A 62 -10.90 -27.30 -2.09
CA ARG A 62 -11.18 -28.48 -2.92
C ARG A 62 -12.49 -29.14 -2.53
N GLU A 63 -12.62 -29.39 -1.23
CA GLU A 63 -13.86 -29.84 -0.58
C GLU A 63 -15.15 -29.12 -1.06
N ARG A 64 -15.10 -27.77 -1.09
CA ARG A 64 -16.23 -26.93 -1.43
C ARG A 64 -16.42 -26.81 -2.94
N GLY A 65 -15.55 -27.45 -3.72
CA GLY A 65 -15.70 -27.46 -5.20
C GLY A 65 -14.74 -26.61 -6.02
N ALA A 66 -13.68 -26.10 -5.41
CA ALA A 66 -12.62 -25.47 -6.21
C ALA A 66 -11.73 -26.54 -6.89
N ILE A 67 -11.36 -26.30 -8.14
CA ILE A 67 -10.49 -27.20 -8.90
C ILE A 67 -9.21 -26.45 -9.29
N PHE A 68 -8.07 -26.87 -8.77
CA PHE A 68 -6.77 -26.21 -8.96
C PHE A 68 -6.04 -26.83 -10.15
N ILE A 69 -5.66 -25.98 -11.09
CA ILE A 69 -4.97 -26.40 -12.32
C ILE A 69 -3.73 -25.56 -12.58
N GLU A 70 -2.80 -26.09 -13.37
CA GLU A 70 -1.61 -25.30 -13.72
C GLU A 70 -1.73 -24.62 -15.07
N GLN A 71 -2.44 -25.28 -15.98
CA GLN A 71 -2.55 -24.78 -17.33
C GLN A 71 -3.98 -24.53 -17.74
N ILE A 72 -4.19 -23.46 -18.51
CA ILE A 72 -5.51 -23.04 -18.94
C ILE A 72 -6.22 -24.10 -19.83
N SER A 73 -5.43 -24.94 -20.52
CA SER A 73 -5.97 -26.09 -21.31
C SER A 73 -6.88 -26.97 -20.48
N GLU A 74 -6.52 -27.12 -19.19
CA GLU A 74 -7.27 -27.93 -18.21
C GLU A 74 -8.68 -27.41 -17.92
N VAL A 75 -8.93 -26.18 -18.28
CA VAL A 75 -10.20 -25.54 -17.98
C VAL A 75 -11.18 -25.60 -19.16
N PRO A 76 -12.41 -26.07 -18.90
CA PRO A 76 -13.44 -26.22 -19.92
C PRO A 76 -13.96 -24.86 -20.34
N ASP A 77 -14.48 -24.77 -21.56
CA ASP A 77 -15.10 -23.54 -22.02
C ASP A 77 -16.31 -23.21 -21.15
N GLY A 78 -16.67 -21.93 -21.04
CA GLY A 78 -17.79 -21.50 -20.20
C GLY A 78 -17.49 -21.43 -18.69
N ALA A 79 -16.31 -21.87 -18.30
CA ALA A 79 -15.94 -21.96 -16.88
C ALA A 79 -15.57 -20.62 -16.27
N ILE A 80 -15.56 -20.62 -14.92
CA ILE A 80 -15.10 -19.46 -14.16
C ILE A 80 -13.68 -19.79 -13.69
N LEU A 81 -12.75 -18.87 -13.93
CA LEU A 81 -11.32 -19.08 -13.61
C LEU A 81 -10.82 -17.99 -12.72
N ILE A 82 -10.12 -18.37 -11.66
CA ILE A 82 -9.53 -17.35 -10.75
C ILE A 82 -8.01 -17.52 -10.79
N PHE A 83 -7.24 -16.43 -10.98
CA PHE A 83 -5.81 -16.51 -10.96
C PHE A 83 -5.38 -16.45 -9.49
N SER A 84 -4.38 -17.24 -9.09
CA SER A 84 -3.92 -17.26 -7.67
C SER A 84 -3.30 -15.91 -7.24
N ALA A 85 -3.09 -15.79 -5.95
CA ALA A 85 -2.52 -14.55 -5.39
C ALA A 85 -1.10 -14.27 -5.89
N HIS A 86 -0.39 -15.30 -6.34
CA HIS A 86 0.98 -15.17 -6.83
C HIS A 86 1.12 -14.48 -8.15
N GLY A 87 0.06 -14.44 -8.90
CA GLY A 87 0.03 -13.75 -10.21
C GLY A 87 0.29 -14.70 -11.36
N VAL A 88 0.04 -14.20 -12.58
CA VAL A 88 0.25 -15.02 -13.78
C VAL A 88 0.90 -14.18 -14.85
N SER A 89 1.48 -14.85 -15.80
CA SER A 89 2.13 -14.15 -16.90
C SER A 89 1.09 -13.57 -17.88
N GLN A 90 1.56 -12.63 -18.73
CA GLN A 90 0.67 -12.06 -19.73
C GLN A 90 0.20 -13.18 -20.69
N ALA A 91 1.11 -14.14 -20.95
CA ALA A 91 0.74 -15.27 -21.86
C ALA A 91 -0.40 -16.07 -21.30
N VAL A 92 -0.32 -16.38 -20.00
CA VAL A 92 -1.43 -17.07 -19.35
C VAL A 92 -2.69 -16.22 -19.40
N ARG A 93 -2.56 -14.95 -19.08
CA ARG A 93 -3.71 -14.08 -19.05
C ARG A 93 -4.41 -13.97 -20.41
N ASN A 94 -3.59 -13.80 -21.44
CA ASN A 94 -4.09 -13.76 -22.81
C ASN A 94 -4.70 -15.08 -23.28
N GLU A 95 -4.09 -16.19 -22.92
CA GLU A 95 -4.64 -17.52 -23.24
C GLU A 95 -6.01 -17.63 -22.62
N ALA A 96 -6.14 -17.18 -21.37
CA ALA A 96 -7.43 -17.20 -20.67
C ALA A 96 -8.42 -16.27 -21.39
N LYS A 97 -7.94 -15.12 -21.88
CA LYS A 97 -8.80 -14.14 -22.53
C LYS A 97 -9.26 -14.63 -23.91
N SER A 98 -8.40 -15.40 -24.57
CA SER A 98 -8.69 -15.93 -25.92
C SER A 98 -9.75 -17.02 -25.80
N ARG A 99 -9.87 -17.62 -24.61
CA ARG A 99 -10.87 -18.65 -24.36
C ARG A 99 -12.20 -18.05 -23.86
N ASP A 100 -13.24 -18.84 -23.84
CA ASP A 100 -14.54 -18.27 -23.48
C ASP A 100 -14.74 -18.46 -21.96
N LEU A 101 -13.79 -17.91 -21.18
CA LEU A 101 -13.77 -18.04 -19.72
C LEU A 101 -14.13 -16.74 -19.00
N THR A 102 -14.90 -16.86 -17.91
CA THR A 102 -15.13 -15.73 -16.99
C THR A 102 -13.97 -15.68 -15.99
N VAL A 103 -13.23 -14.57 -15.95
CA VAL A 103 -12.01 -14.52 -15.17
C VAL A 103 -12.10 -13.55 -14.03
N PHE A 104 -11.64 -14.02 -12.86
CA PHE A 104 -11.43 -13.15 -11.71
C PHE A 104 -9.95 -13.22 -11.31
N ASP A 105 -9.37 -12.09 -10.91
CA ASP A 105 -7.96 -12.08 -10.65
C ASP A 105 -7.73 -11.91 -9.14
N ALA A 106 -7.18 -12.95 -8.52
CA ALA A 106 -6.84 -12.80 -7.07
C ALA A 106 -5.40 -12.41 -6.84
N THR A 107 -4.68 -12.02 -7.92
CA THR A 107 -3.27 -11.62 -7.73
C THR A 107 -3.23 -10.50 -6.67
N CYS A 108 -2.28 -10.61 -5.77
CA CYS A 108 -2.22 -9.55 -4.75
C CYS A 108 -1.81 -8.25 -5.36
N PRO A 109 -2.43 -7.12 -4.93
CA PRO A 109 -2.09 -5.79 -5.46
C PRO A 109 -0.58 -5.48 -5.41
N LEU A 110 0.13 -6.00 -4.36
CA LEU A 110 1.56 -5.74 -4.23
C LEU A 110 2.39 -6.51 -5.26
N VAL A 111 1.82 -7.58 -5.81
CA VAL A 111 2.51 -8.29 -6.91
C VAL A 111 2.22 -7.55 -8.18
N THR A 112 0.97 -7.16 -8.38
CA THR A 112 0.55 -6.43 -9.60
C THR A 112 1.42 -5.17 -9.78
N LYS A 113 1.76 -4.53 -8.66
CA LYS A 113 2.59 -3.29 -8.71
C LYS A 113 3.90 -3.57 -9.43
N VAL A 114 4.54 -4.73 -9.11
CA VAL A 114 5.79 -5.08 -9.71
C VAL A 114 5.56 -5.35 -11.23
N HIS A 115 4.48 -6.07 -11.51
CA HIS A 115 4.15 -6.49 -12.88
C HIS A 115 4.10 -5.24 -13.80
N MET A 116 3.43 -4.20 -13.32
CA MET A 116 3.29 -2.98 -14.07
C MET A 116 4.62 -2.34 -14.43
N GLU A 117 5.59 -2.44 -13.53
CA GLU A 117 6.91 -1.90 -13.85
C GLU A 117 7.65 -2.73 -14.90
N VAL A 118 7.52 -4.07 -14.82
CA VAL A 118 8.18 -4.93 -15.76
C VAL A 118 7.58 -4.67 -17.17
N ALA A 119 6.28 -4.56 -17.26
CA ALA A 119 5.60 -4.29 -18.56
C ALA A 119 6.09 -2.96 -19.15
N ARG A 120 6.31 -1.96 -18.30
CA ARG A 120 6.78 -0.66 -18.73
C ARG A 120 8.19 -0.79 -19.37
N ALA A 121 9.12 -1.51 -18.72
CA ALA A 121 10.45 -1.68 -19.26
C ALA A 121 10.41 -2.49 -20.59
N SER A 122 9.50 -3.45 -20.67
CA SER A 122 9.28 -4.25 -21.87
C SER A 122 8.83 -3.35 -23.02
N ARG A 123 7.83 -2.51 -22.78
CA ARG A 123 7.35 -1.54 -23.80
C ARG A 123 8.49 -0.65 -24.29
N ARG A 124 9.45 -0.38 -23.42
CA ARG A 124 10.55 0.51 -23.81
C ARG A 124 11.73 -0.21 -24.42
N GLY A 125 11.71 -1.53 -24.44
CA GLY A 125 12.80 -2.31 -24.98
C GLY A 125 14.05 -2.21 -24.11
N GLU A 126 13.82 -1.86 -22.86
CA GLU A 126 14.90 -1.67 -21.90
C GLU A 126 14.92 -2.85 -20.94
N GLU A 127 16.13 -3.34 -20.67
CA GLU A 127 16.34 -4.57 -19.88
C GLU A 127 16.00 -4.39 -18.41
N SER A 128 15.54 -5.51 -17.81
CA SER A 128 15.22 -5.54 -16.40
C SER A 128 15.79 -6.79 -15.81
N ILE A 129 16.08 -6.71 -14.52
CA ILE A 129 16.59 -7.84 -13.78
C ILE A 129 15.63 -8.10 -12.58
N LEU A 130 15.23 -9.37 -12.42
CA LEU A 130 14.36 -9.74 -11.32
C LEU A 130 15.17 -10.51 -10.29
N ILE A 131 15.09 -10.11 -9.02
CA ILE A 131 15.71 -10.90 -7.95
C ILE A 131 14.65 -11.87 -7.44
N GLY A 132 14.91 -13.19 -7.56
CA GLY A 132 13.88 -14.12 -7.07
C GLY A 132 14.34 -15.58 -7.23
N HIS A 133 13.44 -16.49 -6.92
CA HIS A 133 13.78 -17.92 -6.92
C HIS A 133 13.19 -18.60 -8.14
N ALA A 134 14.07 -19.18 -8.99
CA ALA A 134 13.61 -19.85 -10.20
C ALA A 134 12.50 -20.88 -9.86
N GLY A 135 11.52 -20.99 -10.74
CA GLY A 135 10.48 -21.99 -10.62
C GLY A 135 9.29 -21.59 -9.79
N HIS A 136 9.43 -20.55 -8.99
CA HIS A 136 8.30 -20.13 -8.20
C HIS A 136 7.23 -19.43 -9.09
N PRO A 137 5.94 -19.68 -8.80
CA PRO A 137 4.90 -19.09 -9.67
C PRO A 137 4.94 -17.54 -9.71
N GLU A 138 5.30 -16.87 -8.63
CA GLU A 138 5.32 -15.41 -8.72
C GLU A 138 6.44 -14.99 -9.67
N VAL A 139 7.57 -15.67 -9.61
CA VAL A 139 8.68 -15.34 -10.55
C VAL A 139 8.29 -15.63 -11.99
N GLU A 140 7.60 -16.77 -12.23
CA GLU A 140 7.11 -17.04 -13.60
C GLU A 140 6.17 -15.94 -14.09
N GLY A 141 5.28 -15.44 -13.18
CA GLY A 141 4.32 -14.43 -13.58
C GLY A 141 4.98 -13.06 -13.86
N THR A 142 5.93 -12.67 -13.01
CA THR A 142 6.62 -11.40 -13.14
C THR A 142 7.56 -11.41 -14.35
N MET A 143 8.31 -12.51 -14.55
CA MET A 143 9.19 -12.60 -15.68
C MET A 143 8.30 -12.61 -16.93
N GLY A 144 7.11 -13.20 -16.78
CA GLY A 144 6.15 -13.30 -17.88
C GLY A 144 5.45 -11.99 -18.23
N GLN A 145 5.83 -10.86 -17.57
CA GLN A 145 5.32 -9.56 -17.99
C GLN A 145 6.25 -8.90 -19.05
N TYR A 146 7.37 -9.55 -19.33
CA TYR A 146 8.38 -8.99 -20.30
C TYR A 146 8.32 -9.76 -21.61
N SER A 147 8.15 -9.08 -22.75
CA SER A 147 8.04 -9.79 -24.05
C SER A 147 8.77 -9.09 -25.19
N ASN A 148 9.55 -8.08 -24.88
CA ASN A 148 10.31 -7.38 -25.92
C ASN A 148 11.69 -7.99 -26.21
N PRO A 149 11.85 -8.59 -27.41
CA PRO A 149 13.13 -9.22 -27.80
C PRO A 149 14.32 -8.25 -27.94
N GLU A 150 14.06 -6.97 -28.20
CA GLU A 150 15.08 -5.92 -28.30
C GLU A 150 15.77 -5.79 -26.94
N GLY A 151 15.00 -5.90 -25.84
CA GLY A 151 15.55 -5.70 -24.50
C GLY A 151 15.92 -7.02 -23.84
N GLY A 152 15.49 -7.22 -22.61
CA GLY A 152 15.83 -8.45 -21.95
C GLY A 152 15.28 -8.49 -20.53
N MET A 153 15.05 -9.69 -20.07
CA MET A 153 14.52 -9.92 -18.72
C MET A 153 15.36 -11.03 -18.09
N TYR A 154 16.11 -10.70 -17.06
CA TYR A 154 17.01 -11.69 -16.46
C TYR A 154 16.70 -11.98 -15.00
N LEU A 155 16.87 -13.23 -14.62
CA LEU A 155 16.63 -13.61 -13.23
C LEU A 155 17.95 -13.86 -12.50
N VAL A 156 18.07 -13.32 -11.31
CA VAL A 156 19.25 -13.54 -10.44
C VAL A 156 18.76 -13.96 -9.10
N GLU A 157 19.41 -14.94 -8.51
CA GLU A 157 19.01 -15.43 -7.21
C GLU A 157 20.01 -15.10 -6.15
N SER A 158 21.19 -14.61 -6.52
CA SER A 158 22.28 -14.46 -5.55
C SER A 158 23.32 -13.47 -6.11
N PRO A 159 24.24 -12.96 -5.24
CA PRO A 159 25.34 -12.12 -5.75
C PRO A 159 26.13 -12.83 -6.81
N ASP A 160 26.37 -14.14 -6.63
CA ASP A 160 27.16 -14.87 -7.66
C ASP A 160 26.49 -14.78 -9.03
N ASP A 161 25.16 -14.84 -9.07
CA ASP A 161 24.43 -14.70 -10.32
C ASP A 161 24.68 -13.33 -10.91
N VAL A 162 24.72 -12.30 -10.08
CA VAL A 162 24.97 -10.95 -10.56
C VAL A 162 26.39 -10.86 -11.15
N TRP A 163 27.34 -11.45 -10.45
CA TRP A 163 28.75 -11.42 -10.88
C TRP A 163 28.94 -12.02 -12.26
N LYS A 164 28.01 -12.90 -12.65
CA LYS A 164 28.15 -13.56 -13.97
C LYS A 164 27.26 -13.02 -15.08
N LEU A 165 26.38 -12.08 -14.75
CA LEU A 165 25.39 -11.59 -15.73
C LEU A 165 26.01 -10.52 -16.60
N THR A 166 25.75 -10.60 -17.90
CA THR A 166 26.05 -9.52 -18.81
C THR A 166 24.74 -9.10 -19.49
N VAL A 167 24.60 -7.81 -19.74
CA VAL A 167 23.42 -7.27 -20.39
C VAL A 167 23.84 -6.46 -21.62
N LYS A 168 22.85 -6.18 -22.45
CA LYS A 168 23.11 -5.46 -23.69
C LYS A 168 23.41 -3.99 -23.48
N ASN A 169 22.68 -3.37 -22.59
CA ASN A 169 22.85 -1.94 -22.35
C ASN A 169 22.66 -1.59 -20.88
N GLU A 170 23.75 -1.62 -20.13
CA GLU A 170 23.65 -1.34 -18.70
C GLU A 170 23.39 0.11 -18.39
N GLU A 171 23.31 0.98 -19.41
CA GLU A 171 22.96 2.39 -19.19
C GLU A 171 21.44 2.54 -19.01
N LYS A 172 20.72 1.52 -19.45
CA LYS A 172 19.23 1.53 -19.37
C LYS A 172 18.81 0.22 -18.74
N LEU A 173 18.99 0.11 -17.44
CA LEU A 173 18.76 -1.13 -16.72
C LEU A 173 17.96 -0.83 -15.45
N SER A 174 17.03 -1.75 -15.12
CA SER A 174 16.22 -1.54 -13.92
C SER A 174 16.06 -2.92 -13.23
N PHE A 175 15.76 -2.89 -11.93
CA PHE A 175 15.53 -4.14 -11.22
C PHE A 175 14.23 -4.17 -10.43
N MET A 176 13.75 -5.39 -10.18
CA MET A 176 12.52 -5.66 -9.42
C MET A 176 12.83 -6.82 -8.53
N THR A 177 11.94 -7.09 -7.56
CA THR A 177 12.16 -8.29 -6.74
C THR A 177 10.90 -9.05 -6.46
N GLN A 178 11.08 -10.34 -6.10
CA GLN A 178 9.95 -11.14 -5.59
C GLN A 178 9.53 -10.50 -4.30
N THR A 179 8.24 -10.68 -3.97
CA THR A 179 7.65 -10.02 -2.81
C THR A 179 7.96 -10.71 -1.47
N THR A 180 8.37 -11.98 -1.52
CA THR A 180 8.56 -12.80 -0.32
C THR A 180 10.00 -13.16 0.03
N LEU A 181 11.00 -12.45 -0.53
CA LEU A 181 12.37 -12.76 -0.28
C LEU A 181 12.87 -12.52 1.14
N SER A 182 14.03 -13.11 1.42
CA SER A 182 14.77 -12.75 2.64
C SER A 182 15.20 -11.30 2.50
N VAL A 183 14.86 -10.48 3.50
CA VAL A 183 15.26 -9.05 3.47
C VAL A 183 16.78 -8.92 3.44
N ASP A 184 17.46 -9.70 4.28
CA ASP A 184 18.90 -9.59 4.35
C ASP A 184 19.58 -10.10 3.06
N ASP A 185 19.15 -11.23 2.52
CA ASP A 185 19.84 -11.75 1.35
C ASP A 185 19.59 -10.83 0.13
N THR A 186 18.42 -10.24 0.06
CA THR A 186 18.11 -9.35 -1.08
C THR A 186 19.00 -8.13 -1.02
N SER A 187 19.25 -7.64 0.18
CA SER A 187 20.14 -6.53 0.36
C SER A 187 21.50 -6.83 -0.26
N ASP A 188 22.02 -8.04 -0.05
CA ASP A 188 23.33 -8.45 -0.60
C ASP A 188 23.28 -8.49 -2.14
N VAL A 189 22.15 -8.95 -2.69
CA VAL A 189 22.02 -9.02 -4.13
C VAL A 189 22.01 -7.62 -4.72
N ILE A 190 21.23 -6.71 -4.13
CA ILE A 190 21.16 -5.34 -4.61
C ILE A 190 22.55 -4.67 -4.56
N ASP A 191 23.28 -4.90 -3.49
CA ASP A 191 24.60 -4.31 -3.36
C ASP A 191 25.42 -4.73 -4.53
N ALA A 192 25.31 -6.01 -4.92
CA ALA A 192 26.10 -6.51 -6.00
C ALA A 192 25.65 -5.85 -7.31
N LEU A 193 24.34 -5.75 -7.50
CA LEU A 193 23.79 -5.14 -8.73
C LEU A 193 24.31 -3.72 -8.91
N ARG A 194 24.33 -2.94 -7.81
CA ARG A 194 24.79 -1.55 -7.89
C ARG A 194 26.28 -1.42 -8.11
N LYS A 195 27.07 -2.40 -7.65
CA LYS A 195 28.51 -2.36 -7.91
C LYS A 195 28.81 -2.74 -9.37
N ARG A 196 28.06 -3.71 -9.87
CA ARG A 196 28.25 -4.20 -11.22
C ARG A 196 27.64 -3.23 -12.26
N PHE A 197 26.47 -2.68 -11.94
CA PHE A 197 25.75 -1.80 -12.87
C PHE A 197 25.43 -0.50 -12.15
N PRO A 198 26.40 0.40 -12.11
CA PRO A 198 26.24 1.63 -11.29
C PRO A 198 25.05 2.50 -11.75
N LYS A 199 24.57 2.35 -12.98
CA LYS A 199 23.40 3.17 -13.43
C LYS A 199 22.06 2.45 -13.31
N ILE A 200 22.06 1.32 -12.64
CA ILE A 200 20.81 0.53 -12.48
C ILE A 200 19.77 1.29 -11.66
N VAL A 201 18.51 1.20 -12.06
CA VAL A 201 17.44 1.93 -11.40
C VAL A 201 16.44 0.95 -10.79
N GLY A 202 15.97 1.29 -9.60
CA GLY A 202 14.96 0.44 -8.94
C GLY A 202 14.17 1.23 -7.94
N PRO A 203 13.37 0.55 -7.10
CA PRO A 203 12.65 1.27 -6.08
C PRO A 203 13.60 1.76 -5.01
N ARG A 204 13.10 2.42 -3.96
CA ARG A 204 14.03 2.94 -2.96
C ARG A 204 14.83 1.83 -2.30
N LYS A 205 14.19 0.68 -2.09
CA LYS A 205 14.82 -0.45 -1.46
C LYS A 205 14.58 -1.71 -2.32
N ASP A 206 13.37 -2.28 -2.26
CA ASP A 206 13.06 -3.49 -3.06
C ASP A 206 11.52 -3.62 -3.12
N ASP A 207 11.06 -4.71 -3.67
CA ASP A 207 9.64 -5.00 -3.80
C ASP A 207 9.17 -6.01 -2.79
N ILE A 208 10.00 -6.27 -1.74
CA ILE A 208 9.57 -7.17 -0.66
C ILE A 208 8.42 -6.46 0.04
N CYS A 209 7.31 -7.14 0.21
CA CYS A 209 6.13 -6.46 0.81
C CYS A 209 6.17 -6.29 2.31
N TYR A 210 5.26 -5.41 2.80
CA TYR A 210 5.20 -5.10 4.24
C TYR A 210 5.04 -6.38 5.06
N ALA A 211 4.24 -7.37 4.58
CA ALA A 211 3.92 -8.57 5.38
C ALA A 211 5.20 -9.42 5.55
N THR A 212 6.01 -9.49 4.49
CA THR A 212 7.26 -10.31 4.51
C THR A 212 8.23 -9.64 5.45
N THR A 213 8.44 -8.35 5.25
CA THR A 213 9.36 -7.61 6.10
C THR A 213 8.94 -7.71 7.56
N ASN A 214 7.65 -7.55 7.83
CA ASN A 214 7.17 -7.58 9.24
C ASN A 214 7.29 -8.95 9.87
N ARG A 215 6.98 -10.01 9.11
CA ARG A 215 7.08 -11.33 9.69
C ARG A 215 8.53 -11.74 9.93
N GLN A 216 9.42 -11.27 9.07
CA GLN A 216 10.85 -11.57 9.28
C GLN A 216 11.39 -10.80 10.47
N GLU A 217 10.97 -9.55 10.64
CA GLU A 217 11.40 -8.78 11.82
C GLU A 217 10.85 -9.43 13.06
N ALA A 218 9.64 -9.92 13.00
CA ALA A 218 8.99 -10.53 14.18
C ALA A 218 9.63 -11.88 14.56
N VAL A 219 10.02 -12.66 13.56
CA VAL A 219 10.67 -13.95 13.87
C VAL A 219 12.05 -13.71 14.41
N ARG A 220 12.71 -12.65 13.98
CA ARG A 220 14.02 -12.28 14.49
C ARG A 220 13.92 -12.00 15.99
N ALA A 221 12.90 -11.26 16.38
CA ALA A 221 12.69 -10.94 17.82
C ALA A 221 12.30 -12.21 18.59
N LEU A 222 11.50 -13.07 17.96
CA LEU A 222 11.08 -14.32 18.59
C LEU A 222 12.27 -15.23 18.82
N ALA A 223 13.14 -15.34 17.81
CA ALA A 223 14.30 -16.25 17.90
C ALA A 223 15.32 -15.77 18.93
N GLU A 224 15.37 -14.48 19.24
CA GLU A 224 16.31 -14.04 20.24
C GLU A 224 15.88 -14.47 21.65
N GLN A 225 14.64 -14.98 21.80
CA GLN A 225 14.12 -15.48 23.07
C GLN A 225 13.93 -16.98 23.12
N ALA A 226 13.48 -17.53 22.01
CA ALA A 226 13.17 -18.99 21.93
C ALA A 226 14.35 -19.79 21.50
N GLU A 227 14.44 -21.01 22.03
CA GLU A 227 15.50 -21.96 21.69
C GLU A 227 15.07 -22.68 20.45
N VAL A 228 13.76 -22.90 20.32
CA VAL A 228 13.19 -23.59 19.15
C VAL A 228 12.08 -22.71 18.58
N VAL A 229 11.98 -22.66 17.25
CA VAL A 229 10.94 -21.90 16.58
C VAL A 229 10.14 -22.78 15.65
N LEU A 230 8.81 -22.78 15.79
CA LEU A 230 7.94 -23.56 14.89
C LEU A 230 7.27 -22.56 13.95
N VAL A 231 7.43 -22.79 12.64
CA VAL A 231 6.79 -21.90 11.68
C VAL A 231 5.67 -22.61 11.01
N VAL A 232 4.45 -22.17 11.26
CA VAL A 232 3.29 -22.79 10.60
C VAL A 232 3.25 -22.35 9.14
N GLY A 233 3.40 -23.31 8.23
CA GLY A 233 3.36 -22.95 6.83
C GLY A 233 3.65 -24.17 6.00
N SER A 234 3.16 -24.19 4.77
CA SER A 234 3.40 -25.34 3.91
C SER A 234 4.80 -25.30 3.25
N LYS A 235 5.21 -26.51 2.79
CA LYS A 235 6.57 -26.64 2.20
C LYS A 235 6.81 -25.73 1.02
N ASN A 236 5.78 -25.48 0.21
CA ASN A 236 5.92 -24.71 -1.00
C ASN A 236 5.65 -23.22 -0.78
N SER A 237 5.54 -22.82 0.47
CA SER A 237 5.33 -21.36 0.78
C SER A 237 6.70 -20.71 0.92
N SER A 238 7.02 -19.88 -0.05
CA SER A 238 8.31 -19.16 -0.07
C SER A 238 8.46 -18.31 1.19
N ASN A 239 7.51 -17.47 1.46
CA ASN A 239 7.67 -16.59 2.63
C ASN A 239 7.81 -17.38 3.92
N SER A 240 7.06 -18.50 4.03
CA SER A 240 7.14 -19.30 5.26
C SER A 240 8.52 -19.88 5.42
N ASN A 241 9.11 -20.37 4.33
CA ASN A 241 10.50 -20.97 4.40
C ASN A 241 11.49 -19.93 4.85
N ARG A 242 11.27 -18.66 4.45
CA ARG A 242 12.22 -17.59 4.83
C ARG A 242 12.21 -17.38 6.36
N LEU A 243 11.04 -17.62 6.99
CA LEU A 243 10.91 -17.41 8.43
C LEU A 243 11.70 -18.51 9.18
N ALA A 244 11.56 -19.77 8.74
CA ALA A 244 12.32 -20.85 9.42
C ALA A 244 13.81 -20.66 9.17
N GLU A 245 14.14 -20.30 7.95
CA GLU A 245 15.56 -20.08 7.56
C GLU A 245 16.17 -19.00 8.45
N LEU A 246 15.51 -17.88 8.65
CA LEU A 246 16.01 -16.80 9.46
C LEU A 246 16.31 -17.27 10.88
N ALA A 247 15.38 -17.99 11.50
CA ALA A 247 15.59 -18.47 12.86
C ALA A 247 16.76 -19.45 12.90
N GLN A 248 16.89 -20.30 11.88
CA GLN A 248 17.97 -21.27 11.81
C GLN A 248 19.35 -20.60 11.72
N ARG A 249 19.43 -19.52 10.96
CA ARG A 249 20.68 -18.83 10.77
C ARG A 249 21.08 -18.13 12.08
N MET A 250 20.09 -17.86 12.95
CA MET A 250 20.37 -17.30 14.26
C MET A 250 20.83 -18.36 15.24
N GLY A 251 20.91 -19.61 14.77
CA GLY A 251 21.36 -20.75 15.57
C GLY A 251 20.32 -21.48 16.38
N LYS A 252 19.06 -21.23 16.07
CA LYS A 252 17.97 -21.87 16.76
C LYS A 252 17.49 -23.02 15.93
N ARG A 253 16.99 -24.08 16.56
CA ARG A 253 16.35 -25.16 15.77
C ARG A 253 15.01 -24.59 15.33
N ALA A 254 14.69 -24.70 14.04
CA ALA A 254 13.43 -24.16 13.50
C ALA A 254 12.84 -25.14 12.56
N PHE A 255 11.51 -25.33 12.69
CA PHE A 255 10.83 -26.36 11.86
C PHE A 255 9.63 -25.75 11.19
N LEU A 256 9.49 -26.01 9.89
CA LEU A 256 8.39 -25.59 9.12
C LEU A 256 7.37 -26.70 9.16
N ILE A 257 6.17 -26.42 9.64
CA ILE A 257 5.14 -27.47 9.84
C ILE A 257 3.77 -27.06 9.33
N ASP A 258 3.02 -28.02 8.82
CA ASP A 258 1.66 -27.73 8.38
C ASP A 258 0.63 -27.69 9.48
N ASP A 259 0.85 -28.47 10.54
CA ASP A 259 -0.09 -28.53 11.66
C ASP A 259 0.51 -29.22 12.87
N ALA A 260 -0.28 -29.29 13.93
CA ALA A 260 0.25 -29.79 15.22
C ALA A 260 0.75 -31.21 15.14
N LYS A 261 0.19 -32.02 14.24
CA LYS A 261 0.55 -33.42 14.09
C LYS A 261 2.00 -33.59 13.67
N ASP A 262 2.59 -32.58 13.05
CA ASP A 262 3.96 -32.66 12.58
C ASP A 262 4.98 -32.49 13.71
N ILE A 263 4.53 -32.01 14.87
CA ILE A 263 5.47 -31.74 15.97
C ILE A 263 6.01 -33.07 16.55
N GLN A 264 7.35 -33.20 16.54
CA GLN A 264 7.99 -34.35 17.16
C GLN A 264 8.41 -33.97 18.57
N GLU A 265 8.06 -34.78 19.59
CA GLU A 265 8.39 -34.47 21.00
C GLU A 265 9.85 -34.08 21.20
N GLU A 266 10.78 -34.81 20.59
CA GLU A 266 12.20 -34.49 20.73
C GLU A 266 12.56 -33.02 20.46
N TRP A 267 11.80 -32.34 19.57
CA TRP A 267 12.14 -31.01 19.22
C TRP A 267 11.98 -30.07 20.40
N VAL A 268 11.05 -30.38 21.30
CA VAL A 268 10.77 -29.49 22.44
C VAL A 268 11.03 -30.10 23.85
N LYS A 269 11.52 -31.32 23.92
CA LYS A 269 11.80 -31.92 25.22
C LYS A 269 12.83 -31.10 25.99
N GLU A 270 12.46 -30.73 27.20
CA GLU A 270 13.38 -30.02 28.10
C GLU A 270 13.73 -28.64 27.57
N VAL A 271 12.97 -28.16 26.60
CA VAL A 271 13.16 -26.81 26.10
C VAL A 271 12.41 -25.81 26.99
N LYS A 272 13.09 -24.76 27.42
CA LYS A 272 12.47 -23.80 28.33
C LYS A 272 11.64 -22.75 27.61
N CYS A 273 11.98 -22.46 26.37
CA CYS A 273 11.25 -21.46 25.62
C CYS A 273 11.09 -21.86 24.17
N VAL A 274 9.85 -22.03 23.76
CA VAL A 274 9.55 -22.39 22.37
C VAL A 274 8.76 -21.26 21.74
N GLY A 275 9.14 -20.87 20.53
CA GLY A 275 8.43 -19.80 19.83
C GLY A 275 7.58 -20.30 18.67
N VAL A 276 6.46 -19.66 18.42
CA VAL A 276 5.60 -20.06 17.27
C VAL A 276 5.26 -18.86 16.42
N THR A 277 5.38 -19.06 15.13
CA THR A 277 4.89 -18.02 14.18
C THR A 277 4.21 -18.70 13.03
N ALA A 278 3.75 -17.92 12.04
CA ALA A 278 3.07 -18.52 10.92
C ALA A 278 3.37 -17.65 9.68
N GLY A 279 3.52 -18.30 8.55
CA GLY A 279 3.66 -17.64 7.28
C GLY A 279 2.40 -16.87 6.87
N ALA A 280 2.52 -16.05 5.83
CA ALA A 280 1.44 -15.20 5.43
C ALA A 280 0.21 -15.96 4.91
N SER A 281 0.40 -17.25 4.53
CA SER A 281 -0.73 -18.02 3.97
C SER A 281 -1.34 -19.03 4.97
N ALA A 282 -0.89 -19.01 6.23
CA ALA A 282 -1.39 -19.98 7.25
C ALA A 282 -2.49 -19.44 8.14
N PRO A 283 -3.66 -20.09 8.15
CA PRO A 283 -4.80 -19.66 9.00
C PRO A 283 -4.50 -19.75 10.50
N ASP A 284 -5.06 -18.84 11.24
CA ASP A 284 -4.81 -18.76 12.68
C ASP A 284 -5.23 -20.04 13.45
N ILE A 285 -6.24 -20.75 12.97
CA ILE A 285 -6.64 -21.96 13.65
C ILE A 285 -5.50 -22.98 13.73
N LEU A 286 -4.61 -22.98 12.69
CA LEU A 286 -3.49 -23.94 12.73
C LEU A 286 -2.56 -23.56 13.87
N VAL A 287 -2.37 -22.25 14.09
CA VAL A 287 -1.51 -21.78 15.17
C VAL A 287 -2.14 -22.17 16.51
N GLN A 288 -3.44 -21.96 16.64
CA GLN A 288 -4.15 -22.34 17.89
C GLN A 288 -3.93 -23.83 18.18
N ASN A 289 -4.01 -24.67 17.15
CA ASN A 289 -3.83 -26.11 17.34
C ASN A 289 -2.39 -26.47 17.70
N VAL A 290 -1.43 -25.72 17.16
CA VAL A 290 -0.04 -25.94 17.49
C VAL A 290 0.21 -25.58 18.96
N VAL A 291 -0.36 -24.45 19.42
CA VAL A 291 -0.26 -24.07 20.81
C VAL A 291 -0.84 -25.12 21.72
N ALA A 292 -1.98 -25.68 21.33
CA ALA A 292 -2.64 -26.69 22.14
C ALA A 292 -1.74 -27.91 22.29
N ARG A 293 -1.03 -28.28 21.21
CA ARG A 293 -0.17 -29.44 21.24
C ARG A 293 1.02 -29.17 22.13
N LEU A 294 1.61 -27.97 22.00
CA LEU A 294 2.75 -27.62 22.86
C LEU A 294 2.34 -27.62 24.31
N GLN A 295 1.11 -27.21 24.60
CA GLN A 295 0.62 -27.24 25.99
C GLN A 295 0.52 -28.67 26.50
N GLN A 296 0.04 -29.57 25.67
CA GLN A 296 -0.05 -30.93 26.16
C GLN A 296 1.39 -31.49 26.36
N LEU A 297 2.36 -30.86 25.72
CA LEU A 297 3.74 -31.27 25.87
C LEU A 297 4.46 -30.49 26.97
N GLY A 298 3.70 -29.81 27.84
CA GLY A 298 4.30 -29.10 28.95
C GLY A 298 4.29 -27.60 28.92
N GLY A 299 3.91 -27.02 27.81
CA GLY A 299 3.88 -25.60 27.73
C GLY A 299 2.75 -24.95 28.48
N GLY A 300 2.95 -23.69 28.89
CA GLY A 300 1.90 -22.94 29.60
C GLY A 300 1.12 -22.00 28.68
N GLU A 301 0.59 -20.92 29.22
CA GLU A 301 -0.18 -19.97 28.41
C GLU A 301 0.67 -19.34 27.29
N ALA A 302 0.12 -19.24 26.09
CA ALA A 302 0.83 -18.61 24.99
C ALA A 302 0.91 -17.10 25.25
N ILE A 303 2.12 -16.56 25.13
CA ILE A 303 2.37 -15.13 25.30
C ILE A 303 2.74 -14.45 23.99
N PRO A 304 1.88 -13.54 23.51
CA PRO A 304 2.16 -12.77 22.32
C PRO A 304 3.24 -11.70 22.56
N LEU A 305 4.26 -11.69 21.71
CA LEU A 305 5.28 -10.67 21.78
C LEU A 305 4.68 -9.39 21.22
N GLU A 306 5.19 -8.26 21.69
CA GLU A 306 4.75 -6.97 21.18
C GLU A 306 5.20 -6.83 19.76
N GLY A 307 4.38 -6.22 18.92
CA GLY A 307 4.85 -6.03 17.56
C GLY A 307 4.19 -4.93 16.77
N ARG A 308 4.76 -4.69 15.58
CA ARG A 308 4.25 -3.73 14.57
C ARG A 308 2.78 -4.01 14.27
N GLU A 309 1.91 -3.04 14.51
CA GLU A 309 0.49 -3.19 14.20
C GLU A 309 0.26 -3.05 12.68
N GLU A 310 -0.30 -4.07 12.02
CA GLU A 310 -0.64 -3.97 10.58
C GLU A 310 -2.04 -3.52 10.41
N ASN A 311 -2.28 -2.63 9.42
CA ASN A 311 -3.66 -2.14 9.22
C ASN A 311 -4.13 -2.20 7.78
N ILE A 312 -3.33 -2.81 6.88
CA ILE A 312 -3.78 -2.74 5.44
C ILE A 312 -4.74 -3.88 5.14
N VAL A 313 -5.75 -3.59 4.34
CA VAL A 313 -6.74 -4.59 3.91
C VAL A 313 -6.98 -4.34 2.42
N PHE A 314 -7.14 -5.41 1.65
CA PHE A 314 -7.47 -5.32 0.24
C PHE A 314 -8.85 -5.93 0.02
N GLU A 315 -9.80 -5.12 -0.46
CA GLU A 315 -11.16 -5.66 -0.66
C GLU A 315 -11.29 -6.56 -1.91
N VAL A 316 -12.27 -7.47 -1.88
CA VAL A 316 -12.52 -8.33 -3.05
C VAL A 316 -13.17 -7.42 -4.11
N PRO A 317 -13.08 -7.79 -5.39
CA PRO A 317 -13.76 -6.97 -6.40
C PRO A 317 -15.27 -6.95 -6.16
N LYS A 318 -15.90 -5.83 -6.50
CA LYS A 318 -17.32 -5.60 -6.26
C LYS A 318 -18.14 -6.74 -6.85
N GLU A 319 -17.71 -7.27 -7.99
CA GLU A 319 -18.39 -8.32 -8.74
C GLU A 319 -18.48 -9.62 -7.92
N LEU A 320 -17.73 -9.67 -6.81
CA LEU A 320 -17.71 -10.87 -5.99
C LEU A 320 -18.10 -10.62 -4.54
N ARG A 321 -18.74 -9.50 -4.27
CA ARG A 321 -19.07 -9.15 -2.89
C ARG A 321 -20.51 -9.46 -2.52
N MET B 13 -30.37 18.40 -18.76
CA MET B 13 -28.90 18.50 -18.38
C MET B 13 -28.40 17.15 -17.89
N GLN B 14 -27.33 16.63 -18.49
CA GLN B 14 -26.79 15.34 -18.08
C GLN B 14 -25.82 15.60 -16.94
N ILE B 15 -25.93 14.80 -15.88
CA ILE B 15 -25.02 14.90 -14.74
C ILE B 15 -24.15 13.62 -14.79
N LEU B 16 -22.82 13.85 -14.80
CA LEU B 16 -21.93 12.73 -14.82
C LEU B 16 -21.14 12.74 -13.54
N LEU B 17 -20.88 11.54 -12.99
CA LEU B 17 -20.06 11.46 -11.76
C LEU B 17 -18.71 10.80 -12.03
N ALA B 18 -17.64 11.43 -11.58
CA ALA B 18 -16.26 10.87 -11.78
C ALA B 18 -16.07 9.64 -10.93
N ASN B 19 -15.28 8.69 -11.42
CA ASN B 19 -14.99 7.48 -10.66
C ASN B 19 -13.54 7.10 -10.91
N PRO B 20 -12.74 6.99 -9.84
CA PRO B 20 -13.18 7.24 -8.45
C PRO B 20 -13.26 8.71 -8.06
N ARG B 21 -13.86 8.95 -6.91
CA ARG B 21 -14.06 10.28 -6.35
C ARG B 21 -14.23 10.13 -4.84
N GLY B 22 -14.08 11.21 -4.11
CA GLY B 22 -14.36 11.20 -2.68
C GLY B 22 -13.34 10.45 -1.85
N PHE B 23 -13.80 9.98 -0.71
CA PHE B 23 -12.92 9.38 0.32
C PHE B 23 -11.89 8.38 -0.17
N CYS B 24 -10.68 8.58 0.34
CA CYS B 24 -9.59 7.65 0.12
C CYS B 24 -9.41 6.87 1.40
N ALA B 25 -8.55 5.85 1.37
CA ALA B 25 -8.34 5.00 2.55
C ALA B 25 -7.81 5.71 3.78
N GLY B 26 -6.87 6.64 3.55
CA GLY B 26 -6.33 7.42 4.64
C GLY B 26 -7.35 8.31 5.34
N VAL B 27 -8.17 9.02 4.56
CA VAL B 27 -9.18 9.87 5.14
C VAL B 27 -10.27 9.11 5.85
N ASP B 28 -10.68 7.96 5.29
CA ASP B 28 -11.72 7.19 5.96
C ASP B 28 -11.22 6.71 7.31
N ARG B 29 -9.96 6.27 7.34
CA ARG B 29 -9.34 5.88 8.62
C ARG B 29 -9.26 7.04 9.62
N ALA B 30 -8.72 8.19 9.21
CA ALA B 30 -8.55 9.35 10.08
C ALA B 30 -9.85 9.78 10.71
N ILE B 31 -10.91 9.90 9.91
CA ILE B 31 -12.19 10.34 10.43
C ILE B 31 -12.74 9.33 11.43
N SER B 32 -12.60 8.05 11.10
CA SER B 32 -13.09 7.03 11.99
C SER B 32 -12.32 6.97 13.29
N ILE B 33 -11.05 7.36 13.24
CA ILE B 33 -10.24 7.40 14.49
C ILE B 33 -10.85 8.44 15.42
N VAL B 34 -11.21 9.61 14.88
CA VAL B 34 -11.78 10.65 15.77
C VAL B 34 -13.21 10.22 16.22
N GLU B 35 -14.04 9.79 15.25
CA GLU B 35 -15.41 9.33 15.60
C GLU B 35 -15.43 8.28 16.68
N ASN B 36 -14.56 7.28 16.57
CA ASN B 36 -14.51 6.18 17.51
C ASN B 36 -13.93 6.57 18.84
N ALA B 37 -12.89 7.43 18.84
CA ALA B 37 -12.38 7.99 20.07
C ALA B 37 -13.52 8.67 20.84
N LEU B 38 -14.32 9.45 20.12
CA LEU B 38 -15.44 10.15 20.77
C LEU B 38 -16.48 9.16 21.28
N ALA B 39 -16.77 8.15 20.47
CA ALA B 39 -17.78 7.15 20.84
C ALA B 39 -17.34 6.37 22.05
N ILE B 40 -16.04 6.05 22.13
CA ILE B 40 -15.51 5.12 23.11
C ILE B 40 -15.15 5.85 24.41
N TYR B 41 -14.55 7.02 24.26
CA TYR B 41 -14.06 7.75 25.43
C TYR B 41 -14.93 8.97 25.77
N GLY B 42 -15.86 9.34 24.90
CA GLY B 42 -16.59 10.58 25.05
C GLY B 42 -15.86 11.89 24.76
N ALA B 43 -16.60 12.98 24.74
CA ALA B 43 -16.06 14.28 24.56
C ALA B 43 -15.45 14.81 25.87
N PRO B 44 -14.36 15.58 25.77
CA PRO B 44 -13.74 16.02 24.52
C PRO B 44 -12.61 15.14 24.06
N ILE B 45 -12.38 15.20 22.75
CA ILE B 45 -11.19 14.50 22.19
C ILE B 45 -10.46 15.65 21.49
N TYR B 46 -9.18 15.80 21.77
CA TYR B 46 -8.41 16.90 21.13
C TYR B 46 -7.76 16.44 19.85
N VAL B 47 -7.82 17.32 18.85
CA VAL B 47 -7.20 17.01 17.54
C VAL B 47 -6.31 18.12 17.11
N ARG B 48 -5.09 17.76 16.75
CA ARG B 48 -4.10 18.78 16.29
C ARG B 48 -4.31 19.11 14.81
N HIS B 49 -4.83 20.31 14.57
CA HIS B 49 -5.16 20.79 13.22
C HIS B 49 -6.34 19.96 12.65
N GLU B 50 -6.97 20.49 11.60
CA GLU B 50 -8.07 19.78 10.96
C GLU B 50 -7.66 18.35 10.63
N VAL B 51 -8.46 17.37 11.07
CA VAL B 51 -8.09 15.97 10.86
C VAL B 51 -7.96 15.70 9.39
N VAL B 52 -8.84 16.29 8.59
CA VAL B 52 -8.77 16.27 7.11
C VAL B 52 -9.21 17.66 6.70
N HIS B 53 -8.87 18.05 5.48
CA HIS B 53 -9.18 19.41 5.04
C HIS B 53 -10.51 19.55 4.42
N ASN B 54 -11.55 19.34 5.28
CA ASN B 54 -12.93 19.46 4.80
C ASN B 54 -13.77 20.12 5.86
N ARG B 55 -14.34 21.27 5.52
CA ARG B 55 -15.09 22.03 6.49
C ARG B 55 -16.32 21.30 7.05
N TYR B 56 -16.99 20.53 6.21
CA TYR B 56 -18.17 19.75 6.64
C TYR B 56 -17.73 18.71 7.71
N VAL B 57 -16.65 17.98 7.45
CA VAL B 57 -16.18 16.96 8.39
C VAL B 57 -15.72 17.61 9.70
N VAL B 58 -14.92 18.66 9.58
CA VAL B 58 -14.42 19.38 10.79
C VAL B 58 -15.58 19.94 11.60
N ASP B 59 -16.56 20.55 10.93
CA ASP B 59 -17.69 21.14 11.66
C ASP B 59 -18.51 20.05 12.33
N SER B 60 -18.65 18.89 11.69
CA SER B 60 -19.39 17.79 12.25
C SER B 60 -18.69 17.18 13.47
N LEU B 61 -17.37 17.08 13.43
CA LEU B 61 -16.65 16.53 14.55
C LEU B 61 -16.63 17.51 15.72
N ARG B 62 -16.53 18.80 15.41
CA ARG B 62 -16.58 19.82 16.45
C ARG B 62 -17.98 19.79 17.16
N GLU B 63 -19.05 19.58 16.37
CA GLU B 63 -20.42 19.52 16.94
C GLU B 63 -20.62 18.30 17.83
N ARG B 64 -19.80 17.26 17.62
CA ARG B 64 -19.80 16.06 18.45
C ARG B 64 -18.80 16.12 19.60
N GLY B 65 -18.09 17.24 19.73
CA GLY B 65 -17.25 17.44 20.92
C GLY B 65 -15.76 17.34 20.68
N ALA B 66 -15.35 17.15 19.44
CA ALA B 66 -13.91 17.26 19.07
C ALA B 66 -13.45 18.71 19.20
N ILE B 67 -12.24 18.92 19.75
CA ILE B 67 -11.72 20.23 19.95
C ILE B 67 -10.40 20.29 19.16
N PHE B 68 -10.38 21.18 18.17
CA PHE B 68 -9.25 21.32 17.28
C PHE B 68 -8.33 22.35 17.83
N ILE B 69 -7.08 21.98 18.06
CA ILE B 69 -6.10 22.90 18.66
C ILE B 69 -4.95 23.12 17.69
N GLU B 70 -4.14 24.14 17.96
CA GLU B 70 -3.02 24.48 17.09
C GLU B 70 -1.71 23.84 17.61
N GLN B 71 -1.49 23.90 18.93
CA GLN B 71 -0.29 23.38 19.57
C GLN B 71 -0.63 22.44 20.68
N ILE B 72 0.23 21.43 20.84
CA ILE B 72 0.04 20.41 21.86
C ILE B 72 -0.05 21.03 23.27
N SER B 73 0.65 22.13 23.46
CA SER B 73 0.65 22.82 24.75
C SER B 73 -0.77 23.26 25.16
N GLU B 74 -1.71 23.33 24.20
CA GLU B 74 -3.08 23.69 24.54
C GLU B 74 -3.83 22.55 25.15
N VAL B 75 -3.32 21.33 24.99
CA VAL B 75 -4.04 20.12 25.50
C VAL B 75 -3.72 19.81 26.95
N PRO B 76 -4.74 19.54 27.76
CA PRO B 76 -4.58 19.29 29.19
C PRO B 76 -4.02 17.90 29.40
N ASP B 77 -3.34 17.70 30.51
CA ASP B 77 -2.85 16.37 30.85
C ASP B 77 -3.98 15.39 31.06
N GLY B 78 -3.74 14.14 30.69
CA GLY B 78 -4.74 13.13 30.86
C GLY B 78 -5.72 13.06 29.70
N ALA B 79 -5.58 13.98 28.74
CA ALA B 79 -6.45 13.99 27.57
C ALA B 79 -6.06 12.94 26.48
N ILE B 80 -6.93 12.82 25.50
CA ILE B 80 -6.71 12.00 24.30
C ILE B 80 -6.42 13.01 23.15
N LEU B 81 -5.31 12.80 22.42
CA LEU B 81 -4.92 13.72 21.31
C LEU B 81 -4.77 12.94 20.03
N ILE B 82 -5.28 13.50 18.94
CA ILE B 82 -5.21 12.84 17.63
C ILE B 82 -4.35 13.73 16.68
N PHE B 83 -3.39 13.12 15.98
CA PHE B 83 -2.61 13.84 14.99
C PHE B 83 -3.41 13.76 13.68
N SER B 84 -3.43 14.82 12.87
CA SER B 84 -4.20 14.80 11.61
C SER B 84 -3.61 13.82 10.58
N ALA B 85 -4.40 13.54 9.56
CA ALA B 85 -3.98 12.56 8.55
C ALA B 85 -2.75 13.06 7.75
N HIS B 86 -2.49 14.36 7.76
CA HIS B 86 -1.40 14.93 6.99
C HIS B 86 -0.03 14.68 7.58
N GLY B 87 -0.02 14.30 8.85
CA GLY B 87 1.28 13.95 9.56
C GLY B 87 1.83 15.09 10.36
N VAL B 88 2.82 14.75 11.16
CA VAL B 88 3.44 15.75 12.04
C VAL B 88 4.96 15.53 12.04
N SER B 89 5.69 16.56 12.44
CA SER B 89 7.16 16.49 12.53
C SER B 89 7.57 15.62 13.68
N GLN B 90 8.85 15.26 13.68
CA GLN B 90 9.40 14.49 14.80
C GLN B 90 9.35 15.25 16.09
N ALA B 91 9.50 16.57 15.99
CA ALA B 91 9.46 17.42 17.16
C ALA B 91 8.07 17.35 17.81
N VAL B 92 7.03 17.39 16.99
CA VAL B 92 5.67 17.30 17.48
C VAL B 92 5.42 15.97 18.10
N ARG B 93 5.81 14.90 17.40
CA ARG B 93 5.61 13.55 17.93
C ARG B 93 6.29 13.37 19.29
N ASN B 94 7.55 13.80 19.37
CA ASN B 94 8.32 13.61 20.60
C ASN B 94 7.79 14.42 21.78
N GLU B 95 7.30 15.61 21.49
CA GLU B 95 6.73 16.44 22.49
C GLU B 95 5.49 15.74 23.05
N ALA B 96 4.62 15.24 22.18
CA ALA B 96 3.42 14.53 22.66
C ALA B 96 3.80 13.27 23.49
N LYS B 97 4.87 12.58 23.11
CA LYS B 97 5.32 11.36 23.78
C LYS B 97 5.76 11.67 25.19
N SER B 98 6.45 12.81 25.37
CA SER B 98 6.92 13.20 26.72
C SER B 98 5.76 13.68 27.62
N ARG B 99 4.61 14.00 27.03
CA ARG B 99 3.47 14.52 27.79
C ARG B 99 2.63 13.40 28.35
N ASP B 100 1.88 13.71 29.41
CA ASP B 100 0.91 12.76 29.99
C ASP B 100 -0.37 12.81 29.11
N LEU B 101 -0.30 12.19 27.92
CA LEU B 101 -1.40 12.20 26.94
C LEU B 101 -1.54 10.84 26.30
N THR B 102 -2.76 10.52 25.90
CA THR B 102 -2.98 9.29 25.10
C THR B 102 -3.05 9.80 23.68
N VAL B 103 -2.14 9.30 22.83
CA VAL B 103 -2.04 9.79 21.48
C VAL B 103 -2.44 8.74 20.48
N PHE B 104 -3.25 9.16 19.51
CA PHE B 104 -3.65 8.31 18.36
C PHE B 104 -3.21 9.02 17.13
N ASP B 105 -2.47 8.31 16.29
CA ASP B 105 -1.85 8.98 15.14
C ASP B 105 -2.69 8.65 13.92
N ALA B 106 -3.45 9.61 13.44
CA ALA B 106 -4.25 9.37 12.23
C ALA B 106 -3.49 9.62 10.93
N THR B 107 -2.18 9.85 11.03
CA THR B 107 -1.36 10.05 9.81
C THR B 107 -1.62 8.95 8.85
N CYS B 108 -1.91 9.30 7.60
CA CYS B 108 -2.07 8.22 6.62
C CYS B 108 -0.78 7.42 6.46
N PRO B 109 -0.91 6.08 6.31
CA PRO B 109 0.27 5.26 6.16
C PRO B 109 1.13 5.67 4.93
N LEU B 110 0.47 6.21 3.87
CA LEU B 110 1.20 6.58 2.68
C LEU B 110 2.01 7.85 2.88
N VAL B 111 1.68 8.64 3.90
CA VAL B 111 2.49 9.80 4.34
C VAL B 111 3.61 9.31 5.19
N THR B 112 3.28 8.42 6.13
CA THR B 112 4.31 7.80 7.02
C THR B 112 5.43 7.14 6.21
N LYS B 113 5.08 6.52 5.06
CA LYS B 113 6.08 5.86 4.25
C LYS B 113 7.13 6.86 3.77
N VAL B 114 6.69 8.07 3.38
CA VAL B 114 7.64 9.15 2.91
C VAL B 114 8.49 9.61 4.14
N HIS B 115 7.86 9.77 5.30
CA HIS B 115 8.52 10.24 6.53
C HIS B 115 9.72 9.33 6.83
N MET B 116 9.51 8.01 6.70
CA MET B 116 10.56 7.09 7.06
C MET B 116 11.79 7.25 6.15
N GLU B 117 11.55 7.55 4.87
CA GLU B 117 12.66 7.72 3.95
C GLU B 117 13.43 8.99 4.28
N VAL B 118 12.71 10.03 4.70
CA VAL B 118 13.37 11.29 5.05
C VAL B 118 14.23 11.08 6.30
N ALA B 119 13.69 10.34 7.27
CA ALA B 119 14.41 10.10 8.53
C ALA B 119 15.66 9.29 8.21
N ARG B 120 15.56 8.37 7.25
CA ARG B 120 16.71 7.58 6.85
C ARG B 120 17.83 8.48 6.32
N ALA B 121 17.49 9.37 5.38
CA ALA B 121 18.46 10.26 4.80
C ALA B 121 19.12 11.13 5.88
N SER B 122 18.34 11.58 6.86
CA SER B 122 18.83 12.42 7.94
C SER B 122 19.83 11.63 8.82
N ARG B 123 19.54 10.38 9.10
CA ARG B 123 20.45 9.49 9.84
C ARG B 123 21.81 9.35 9.10
N ARG B 124 21.75 9.29 7.78
CA ARG B 124 22.94 9.15 6.91
C ARG B 124 23.67 10.46 6.70
N GLY B 125 23.05 11.56 7.08
CA GLY B 125 23.64 12.88 6.90
C GLY B 125 23.69 13.27 5.44
N GLU B 126 22.80 12.70 4.65
CA GLU B 126 22.72 12.96 3.21
C GLU B 126 21.52 13.79 2.90
N GLU B 127 21.72 14.80 2.08
CA GLU B 127 20.65 15.73 1.68
C GLU B 127 19.47 15.13 0.91
N SER B 128 18.29 15.67 1.20
CA SER B 128 17.06 15.29 0.54
C SER B 128 16.31 16.53 0.06
N ILE B 129 15.59 16.32 -1.03
CA ILE B 129 14.78 17.37 -1.65
C ILE B 129 13.34 16.89 -1.66
N LEU B 130 12.46 17.72 -1.15
CA LEU B 130 11.02 17.43 -1.14
C LEU B 130 10.36 18.29 -2.20
N ILE B 131 9.55 17.67 -3.05
CA ILE B 131 8.72 18.41 -4.00
C ILE B 131 7.37 18.62 -3.32
N GLY B 132 7.00 19.91 -3.08
CA GLY B 132 5.76 20.17 -2.39
C GLY B 132 5.48 21.66 -2.28
N HIS B 133 4.35 21.99 -1.67
CA HIS B 133 3.93 23.37 -1.56
C HIS B 133 4.21 23.93 -0.16
N ALA B 134 4.99 25.00 -0.09
CA ALA B 134 5.37 25.58 1.20
C ALA B 134 4.11 25.90 2.04
N GLY B 135 4.20 25.66 3.33
CA GLY B 135 3.13 25.99 4.23
C GLY B 135 2.13 24.90 4.45
N HIS B 136 2.04 23.97 3.50
CA HIS B 136 1.08 22.87 3.71
C HIS B 136 1.50 21.98 4.89
N PRO B 137 0.53 21.53 5.74
CA PRO B 137 0.88 20.74 6.91
C PRO B 137 1.62 19.47 6.55
N GLU B 138 1.33 18.87 5.40
CA GLU B 138 2.07 17.63 5.07
C GLU B 138 3.53 17.94 4.81
N VAL B 139 3.78 19.08 4.18
CA VAL B 139 5.18 19.52 3.91
C VAL B 139 5.88 19.81 5.25
N GLU B 140 5.18 20.49 6.17
CA GLU B 140 5.76 20.79 7.48
C GLU B 140 6.16 19.49 8.17
N GLY B 141 5.29 18.48 8.10
CA GLY B 141 5.53 17.19 8.75
C GLY B 141 6.70 16.43 8.13
N THR B 142 6.71 16.34 6.80
CA THR B 142 7.75 15.63 6.10
C THR B 142 9.13 16.31 6.21
N MET B 143 9.16 17.62 6.07
CA MET B 143 10.43 18.31 6.22
C MET B 143 10.88 18.10 7.66
N GLY B 144 9.91 17.99 8.56
CA GLY B 144 10.20 17.86 9.97
C GLY B 144 10.68 16.49 10.40
N GLN B 145 10.84 15.56 9.44
CA GLN B 145 11.50 14.29 9.73
C GLN B 145 13.04 14.39 9.63
N TYR B 146 13.55 15.50 9.10
CA TYR B 146 15.00 15.67 8.83
C TYR B 146 15.62 16.57 9.89
N SER B 147 16.69 16.12 10.53
CA SER B 147 17.31 16.96 11.59
C SER B 147 18.82 16.87 11.67
N ASN B 148 19.46 16.40 10.61
CA ASN B 148 20.94 16.35 10.60
C ASN B 148 21.59 17.55 9.91
N PRO B 149 22.28 18.41 10.69
CA PRO B 149 22.94 19.62 10.18
C PRO B 149 24.06 19.35 9.18
N GLU B 150 24.65 18.16 9.21
CA GLU B 150 25.69 17.79 8.29
C GLU B 150 25.09 17.57 6.92
N GLY B 151 23.80 17.25 6.88
CA GLY B 151 23.10 17.01 5.61
C GLY B 151 22.30 18.23 5.22
N GLY B 152 21.05 18.04 4.82
CA GLY B 152 20.22 19.20 4.53
C GLY B 152 18.89 18.75 3.93
N MET B 153 17.86 19.57 4.08
CA MET B 153 16.52 19.24 3.57
C MET B 153 15.97 20.44 2.85
N TYR B 154 15.70 20.29 1.55
CA TYR B 154 15.30 21.44 0.73
C TYR B 154 13.96 21.23 0.11
N LEU B 155 13.22 22.32 -0.04
CA LEU B 155 11.91 22.28 -0.64
C LEU B 155 11.90 22.94 -2.02
N VAL B 156 11.36 22.26 -3.02
CA VAL B 156 11.19 22.82 -4.34
C VAL B 156 9.74 22.67 -4.79
N GLU B 157 9.22 23.67 -5.50
CA GLU B 157 7.82 23.64 -5.95
C GLU B 157 7.71 23.62 -7.46
N SER B 158 8.82 23.82 -8.17
CA SER B 158 8.75 23.94 -9.61
C SER B 158 10.14 23.74 -10.23
N PRO B 159 10.19 23.62 -11.57
CA PRO B 159 11.47 23.51 -12.26
C PRO B 159 12.33 24.71 -11.97
N ASP B 160 11.74 25.91 -11.98
CA ASP B 160 12.52 27.12 -11.64
C ASP B 160 13.21 27.00 -10.27
N ASP B 161 12.52 26.43 -9.28
CA ASP B 161 13.16 26.24 -7.98
C ASP B 161 14.32 25.26 -8.07
N VAL B 162 14.20 24.21 -8.90
CA VAL B 162 15.26 23.24 -9.04
C VAL B 162 16.46 23.95 -9.70
N TRP B 163 16.16 24.74 -10.72
CA TRP B 163 17.20 25.38 -11.53
C TRP B 163 18.04 26.33 -10.64
N LYS B 164 17.44 26.88 -9.56
CA LYS B 164 18.15 27.81 -8.66
C LYS B 164 18.71 27.14 -7.37
N LEU B 165 18.47 25.83 -7.21
CA LEU B 165 18.86 25.16 -5.98
C LEU B 165 20.36 24.82 -5.99
N THR B 166 20.98 25.07 -4.84
CA THR B 166 22.38 24.76 -4.53
C THR B 166 22.40 23.69 -3.43
N VAL B 167 23.18 22.63 -3.64
CA VAL B 167 23.33 21.55 -2.67
C VAL B 167 24.81 21.37 -2.27
N LYS B 168 25.05 20.83 -1.08
CA LYS B 168 26.43 20.58 -0.64
C LYS B 168 27.09 19.40 -1.34
N ASN B 169 26.39 18.30 -1.48
CA ASN B 169 27.01 17.12 -2.09
C ASN B 169 26.02 16.42 -3.00
N GLU B 170 25.99 16.83 -4.26
CA GLU B 170 24.99 16.26 -5.16
C GLU B 170 25.26 14.81 -5.51
N GLU B 171 26.34 14.26 -4.96
CA GLU B 171 26.67 12.88 -5.19
C GLU B 171 25.82 11.96 -4.30
N LYS B 172 25.32 12.50 -3.22
CA LYS B 172 24.50 11.76 -2.23
C LYS B 172 23.22 12.57 -2.02
N LEU B 173 22.29 12.43 -2.97
CA LEU B 173 21.08 13.22 -2.98
C LEU B 173 19.89 12.31 -3.25
N SER B 174 18.79 12.54 -2.54
CA SER B 174 17.57 11.80 -2.77
C SER B 174 16.38 12.78 -2.80
N PHE B 175 15.29 12.38 -3.43
CA PHE B 175 14.12 13.24 -3.43
C PHE B 175 12.87 12.49 -2.96
N MET B 176 11.88 13.26 -2.51
CA MET B 176 10.60 12.71 -2.07
C MET B 176 9.55 13.71 -2.57
N THR B 177 8.27 13.35 -2.43
CA THR B 177 7.24 14.30 -2.87
C THR B 177 6.04 14.28 -1.93
N GLN B 178 5.29 15.38 -1.98
CA GLN B 178 4.02 15.50 -1.31
C GLN B 178 3.09 14.50 -1.94
N THR B 179 2.13 13.98 -1.18
CA THR B 179 1.24 12.91 -1.67
C THR B 179 0.08 13.34 -2.59
N THR B 180 -0.23 14.63 -2.59
CA THR B 180 -1.38 15.16 -3.27
C THR B 180 -1.10 16.10 -4.45
N LEU B 181 0.12 16.05 -5.02
CA LEU B 181 0.46 16.96 -6.07
C LEU B 181 -0.20 16.61 -7.45
N SER B 182 -0.09 17.59 -8.34
CA SER B 182 -0.48 17.37 -9.75
C SER B 182 0.51 16.31 -10.30
N VAL B 183 -0.02 15.24 -10.87
CA VAL B 183 0.83 14.23 -11.50
C VAL B 183 1.69 14.85 -12.60
N ASP B 184 1.04 15.61 -13.51
CA ASP B 184 1.75 16.24 -14.62
C ASP B 184 2.85 17.23 -14.19
N ASP B 185 2.53 18.14 -13.25
CA ASP B 185 3.50 19.13 -12.84
C ASP B 185 4.68 18.51 -12.12
N THR B 186 4.41 17.49 -11.30
CA THR B 186 5.47 16.83 -10.55
C THR B 186 6.43 16.14 -11.53
N SER B 187 5.88 15.59 -12.64
CA SER B 187 6.71 15.00 -13.66
C SER B 187 7.75 16.02 -14.15
N ASP B 188 7.27 17.26 -14.37
CA ASP B 188 8.18 18.32 -14.85
C ASP B 188 9.30 18.58 -13.86
N VAL B 189 8.95 18.64 -12.58
CA VAL B 189 9.95 18.91 -11.52
C VAL B 189 10.97 17.80 -11.43
N ILE B 190 10.51 16.56 -11.49
CA ILE B 190 11.41 15.40 -11.48
C ILE B 190 12.40 15.45 -12.67
N ASP B 191 11.87 15.74 -13.85
CA ASP B 191 12.72 15.85 -15.06
C ASP B 191 13.79 16.88 -14.86
N ALA B 192 13.42 18.05 -14.30
CA ALA B 192 14.43 19.06 -13.95
C ALA B 192 15.46 18.60 -12.92
N LEU B 193 14.98 17.92 -11.89
CA LEU B 193 15.91 17.37 -10.86
C LEU B 193 16.92 16.38 -11.43
N ARG B 194 16.48 15.46 -12.29
CA ARG B 194 17.42 14.51 -12.87
C ARG B 194 18.39 15.13 -13.83
N LYS B 195 17.95 16.18 -14.56
CA LYS B 195 18.92 16.86 -15.46
C LYS B 195 19.96 17.63 -14.69
N ARG B 196 19.56 18.26 -13.59
CA ARG B 196 20.43 19.08 -12.74
C ARG B 196 21.33 18.20 -11.83
N PHE B 197 20.74 17.13 -11.35
CA PHE B 197 21.45 16.26 -10.40
C PHE B 197 21.38 14.82 -10.89
N PRO B 198 22.23 14.46 -11.83
CA PRO B 198 22.10 13.15 -12.46
C PRO B 198 22.23 11.93 -11.56
N LYS B 199 22.80 12.09 -10.36
CA LYS B 199 22.94 10.94 -9.47
C LYS B 199 21.83 10.90 -8.38
N ILE B 200 20.86 11.81 -8.50
CA ILE B 200 19.77 11.87 -7.47
C ILE B 200 19.03 10.55 -7.46
N VAL B 201 18.66 10.12 -6.24
CA VAL B 201 17.92 8.86 -6.05
C VAL B 201 16.52 9.11 -5.53
N GLY B 202 15.58 8.34 -6.01
CA GLY B 202 14.20 8.46 -5.56
C GLY B 202 13.45 7.18 -5.77
N PRO B 203 12.11 7.22 -5.60
CA PRO B 203 11.29 6.05 -5.84
C PRO B 203 11.17 5.86 -7.35
N ARG B 204 10.47 4.81 -7.80
CA ARG B 204 10.38 4.59 -9.25
C ARG B 204 9.76 5.77 -9.99
N LYS B 205 8.81 6.46 -9.36
CA LYS B 205 8.19 7.61 -10.01
C LYS B 205 8.19 8.76 -9.00
N ASP B 206 7.24 8.71 -8.05
CA ASP B 206 7.16 9.81 -7.05
C ASP B 206 6.35 9.24 -5.85
N ASP B 207 6.02 10.11 -4.91
CA ASP B 207 5.25 9.70 -3.72
C ASP B 207 3.79 10.09 -3.80
N ILE B 208 3.32 10.47 -4.97
CA ILE B 208 1.90 10.79 -5.13
C ILE B 208 1.13 9.52 -4.96
N CYS B 209 0.15 9.55 -4.06
CA CYS B 209 -0.56 8.31 -3.73
C CYS B 209 -1.55 7.87 -4.80
N TYR B 210 -2.00 6.62 -4.65
CA TYR B 210 -2.91 6.01 -5.62
C TYR B 210 -4.22 6.87 -5.72
N ALA B 211 -4.70 7.42 -4.61
CA ALA B 211 -5.97 8.15 -4.57
C ALA B 211 -5.85 9.45 -5.36
N THR B 212 -4.69 10.12 -5.26
CA THR B 212 -4.48 11.36 -6.00
C THR B 212 -4.35 11.06 -7.48
N THR B 213 -3.48 10.11 -7.83
CA THR B 213 -3.36 9.71 -9.23
C THR B 213 -4.71 9.32 -9.81
N ASN B 214 -5.47 8.49 -9.09
CA ASN B 214 -6.74 7.97 -9.65
C ASN B 214 -7.80 9.08 -9.81
N ARG B 215 -7.89 9.98 -8.82
CA ARG B 215 -8.87 11.06 -8.95
C ARG B 215 -8.52 12.07 -10.02
N GLN B 216 -7.21 12.35 -10.21
CA GLN B 216 -6.86 13.16 -11.35
C GLN B 216 -7.14 12.45 -12.68
N GLU B 217 -6.84 11.16 -12.73
CA GLU B 217 -7.20 10.42 -13.97
C GLU B 217 -8.69 10.48 -14.22
N ALA B 218 -9.46 10.26 -13.17
CA ALA B 218 -10.95 10.28 -13.29
C ALA B 218 -11.52 11.66 -13.71
N VAL B 219 -10.93 12.72 -13.17
CA VAL B 219 -11.39 14.06 -13.54
C VAL B 219 -11.03 14.37 -14.99
N ARG B 220 -9.89 13.89 -15.44
CA ARG B 220 -9.46 14.01 -16.84
C ARG B 220 -10.53 13.42 -17.76
N ALA B 221 -10.98 12.21 -17.45
CA ALA B 221 -12.03 11.57 -18.29
C ALA B 221 -13.35 12.32 -18.15
N LEU B 222 -13.60 12.93 -16.97
CA LEU B 222 -14.85 13.61 -16.74
C LEU B 222 -14.87 14.93 -17.55
N ALA B 223 -13.74 15.64 -17.53
CA ALA B 223 -13.67 16.94 -18.17
C ALA B 223 -13.74 16.79 -19.70
N GLU B 224 -13.39 15.63 -20.22
CA GLU B 224 -13.52 15.39 -21.68
C GLU B 224 -14.98 15.45 -22.10
N GLN B 225 -15.88 15.07 -21.20
CA GLN B 225 -17.30 15.01 -21.51
C GLN B 225 -18.13 16.22 -21.02
N ALA B 226 -17.76 16.71 -19.86
CA ALA B 226 -18.50 17.74 -19.18
C ALA B 226 -18.06 19.11 -19.60
N GLU B 227 -19.00 20.04 -19.69
CA GLU B 227 -18.70 21.46 -20.01
C GLU B 227 -18.29 22.19 -18.75
N VAL B 228 -18.97 21.84 -17.67
CA VAL B 228 -18.69 22.38 -16.33
C VAL B 228 -18.33 21.25 -15.36
N VAL B 229 -17.34 21.46 -14.53
CA VAL B 229 -16.93 20.44 -13.55
C VAL B 229 -17.01 21.02 -12.15
N LEU B 230 -17.80 20.40 -11.30
CA LEU B 230 -17.88 20.80 -9.87
C LEU B 230 -17.02 19.85 -9.07
N VAL B 231 -16.14 20.41 -8.26
CA VAL B 231 -15.24 19.57 -7.42
C VAL B 231 -15.60 19.87 -5.97
N VAL B 232 -16.15 18.89 -5.28
CA VAL B 232 -16.54 19.06 -3.89
C VAL B 232 -15.28 18.99 -3.02
N GLY B 233 -14.96 20.06 -2.34
CA GLY B 233 -13.73 20.12 -1.53
C GLY B 233 -13.58 21.50 -0.92
N SER B 234 -12.76 21.59 0.13
CA SER B 234 -12.53 22.85 0.79
C SER B 234 -11.33 23.58 0.19
N LYS B 235 -11.27 24.91 0.44
CA LYS B 235 -10.20 25.73 -0.16
C LYS B 235 -8.83 25.30 0.28
N ASN B 236 -8.70 24.74 1.48
CA ASN B 236 -7.39 24.33 2.00
C ASN B 236 -7.06 22.88 1.73
N SER B 237 -7.82 22.23 0.86
CA SER B 237 -7.49 20.83 0.47
C SER B 237 -6.62 20.85 -0.79
N SER B 238 -5.36 20.48 -0.61
CA SER B 238 -4.43 20.40 -1.73
C SER B 238 -4.98 19.50 -2.86
N ASN B 239 -5.33 18.26 -2.55
CA ASN B 239 -5.74 17.35 -3.61
C ASN B 239 -6.99 17.84 -4.32
N SER B 240 -7.89 18.51 -3.57
CA SER B 240 -9.13 18.98 -4.16
C SER B 240 -8.81 20.09 -5.14
N ASN B 241 -7.89 20.99 -4.74
CA ASN B 241 -7.51 22.12 -5.65
C ASN B 241 -6.91 21.54 -6.95
N ARG B 242 -6.14 20.44 -6.80
CA ARG B 242 -5.52 19.86 -8.03
C ARG B 242 -6.59 19.33 -8.99
N LEU B 243 -7.71 18.79 -8.44
CA LEU B 243 -8.75 18.26 -9.31
C LEU B 243 -9.42 19.40 -10.07
N ALA B 244 -9.67 20.52 -9.40
CA ALA B 244 -10.33 21.69 -10.05
C ALA B 244 -9.40 22.30 -11.07
N GLU B 245 -8.12 22.39 -10.74
CA GLU B 245 -7.12 22.93 -11.64
C GLU B 245 -6.96 22.11 -12.90
N LEU B 246 -6.92 20.78 -12.76
CA LEU B 246 -6.78 19.91 -13.90
C LEU B 246 -7.91 20.17 -14.91
N ALA B 247 -9.14 20.26 -14.40
CA ALA B 247 -10.29 20.47 -15.27
C ALA B 247 -10.20 21.83 -15.97
N GLN B 248 -9.85 22.85 -15.20
CA GLN B 248 -9.69 24.17 -15.75
C GLN B 248 -8.62 24.22 -16.85
N ARG B 249 -7.48 23.57 -16.61
CA ARG B 249 -6.43 23.53 -17.61
C ARG B 249 -6.85 22.77 -18.89
N MET B 250 -7.88 21.91 -18.77
CA MET B 250 -8.38 21.20 -19.95
C MET B 250 -9.37 22.07 -20.72
N GLY B 251 -9.62 23.26 -20.20
CA GLY B 251 -10.47 24.26 -20.89
C GLY B 251 -11.93 24.24 -20.47
N LYS B 252 -12.22 23.53 -19.40
CA LYS B 252 -13.61 23.45 -18.92
C LYS B 252 -13.77 24.46 -17.77
N ARG B 253 -14.99 24.90 -17.53
CA ARG B 253 -15.26 25.75 -16.39
C ARG B 253 -15.31 24.89 -15.13
N ALA B 254 -14.45 25.16 -14.14
CA ALA B 254 -14.39 24.30 -12.98
C ALA B 254 -14.58 25.13 -11.73
N PHE B 255 -15.33 24.58 -10.76
CA PHE B 255 -15.56 25.27 -9.47
C PHE B 255 -15.24 24.34 -8.31
N LEU B 256 -14.44 24.83 -7.35
CA LEU B 256 -14.25 24.12 -6.10
C LEU B 256 -15.32 24.59 -5.14
N ILE B 257 -16.11 23.67 -4.62
CA ILE B 257 -17.25 24.05 -3.74
C ILE B 257 -17.28 23.18 -2.53
N ASP B 258 -17.70 23.77 -1.41
CA ASP B 258 -17.85 23.02 -0.17
C ASP B 258 -19.10 22.20 -0.09
N ASP B 259 -20.19 22.74 -0.64
CA ASP B 259 -21.46 22.01 -0.66
C ASP B 259 -22.44 22.60 -1.68
N ALA B 260 -23.58 21.94 -1.82
CA ALA B 260 -24.53 22.28 -2.83
C ALA B 260 -24.99 23.75 -2.75
N LYS B 261 -25.01 24.32 -1.54
CA LYS B 261 -25.45 25.72 -1.38
C LYS B 261 -24.53 26.71 -2.12
N ASP B 262 -23.30 26.30 -2.44
CA ASP B 262 -22.35 27.16 -3.15
C ASP B 262 -22.68 27.30 -4.63
N ILE B 263 -23.47 26.36 -5.17
CA ILE B 263 -23.75 26.34 -6.59
C ILE B 263 -24.62 27.58 -7.01
N GLN B 264 -24.16 28.31 -8.02
CA GLN B 264 -24.91 29.47 -8.55
C GLN B 264 -25.60 29.08 -9.84
N GLU B 265 -26.88 29.43 -9.98
CA GLU B 265 -27.64 29.03 -11.17
C GLU B 265 -26.90 29.40 -12.46
N GLU B 266 -26.34 30.61 -12.48
CA GLU B 266 -25.54 31.10 -13.64
C GLU B 266 -24.52 30.06 -14.12
N TRP B 267 -23.92 29.30 -13.21
CA TRP B 267 -22.86 28.36 -13.57
C TRP B 267 -23.32 27.28 -14.51
N VAL B 268 -24.56 26.84 -14.37
CA VAL B 268 -25.08 25.69 -15.14
C VAL B 268 -26.24 26.04 -16.09
N LYS B 269 -26.53 27.33 -16.21
CA LYS B 269 -27.61 27.75 -17.10
C LYS B 269 -27.26 27.31 -18.52
N GLU B 270 -28.16 26.55 -19.13
CA GLU B 270 -28.04 26.13 -20.53
C GLU B 270 -26.95 25.09 -20.76
N VAL B 271 -26.26 24.70 -19.69
CA VAL B 271 -25.20 23.71 -19.77
C VAL B 271 -25.82 22.36 -20.03
N LYS B 272 -25.27 21.64 -21.00
CA LYS B 272 -25.85 20.38 -21.43
C LYS B 272 -25.27 19.19 -20.66
N CYS B 273 -24.03 19.34 -20.19
CA CYS B 273 -23.38 18.25 -19.47
C CYS B 273 -22.56 18.83 -18.33
N VAL B 274 -22.92 18.47 -17.11
CA VAL B 274 -22.18 18.93 -15.93
C VAL B 274 -21.60 17.71 -15.23
N GLY B 275 -20.31 17.82 -14.85
CA GLY B 275 -19.64 16.73 -14.17
C GLY B 275 -19.41 17.10 -12.74
N VAL B 276 -19.45 16.10 -11.88
CA VAL B 276 -19.22 16.29 -10.44
C VAL B 276 -18.23 15.26 -9.91
N THR B 277 -17.33 15.74 -9.11
CA THR B 277 -16.32 14.83 -8.45
C THR B 277 -16.09 15.38 -7.09
N ALA B 278 -15.26 14.72 -6.27
CA ALA B 278 -15.00 15.17 -4.93
C ALA B 278 -13.55 14.82 -4.57
N GLY B 279 -12.96 15.68 -3.79
CA GLY B 279 -11.62 15.48 -3.28
C GLY B 279 -11.61 14.38 -2.28
N ALA B 280 -10.40 13.90 -1.93
CA ALA B 280 -10.30 12.74 -1.07
C ALA B 280 -10.89 12.92 0.34
N SER B 281 -11.05 14.18 0.78
CA SER B 281 -11.56 14.45 2.11
C SER B 281 -13.06 14.82 2.12
N ALA B 282 -13.75 14.77 0.98
CA ALA B 282 -15.16 15.16 0.94
C ALA B 282 -16.09 13.96 1.03
N PRO B 283 -16.96 13.93 2.05
CA PRO B 283 -17.93 12.89 2.24
C PRO B 283 -18.88 12.73 1.06
N ASP B 284 -19.28 11.49 0.80
CA ASP B 284 -20.24 11.22 -0.28
C ASP B 284 -21.59 11.96 -0.14
N ILE B 285 -22.04 12.20 1.10
CA ILE B 285 -23.33 12.88 1.26
C ILE B 285 -23.31 14.27 0.61
N LEU B 286 -22.12 14.90 0.55
CA LEU B 286 -22.05 16.22 -0.02
C LEU B 286 -22.27 16.13 -1.51
N VAL B 287 -21.75 15.06 -2.12
CA VAL B 287 -21.97 14.82 -3.55
C VAL B 287 -23.43 14.54 -3.81
N GLN B 288 -24.07 13.72 -2.98
CA GLN B 288 -25.51 13.41 -3.14
C GLN B 288 -26.32 14.69 -3.11
N ASN B 289 -25.98 15.60 -2.21
CA ASN B 289 -26.70 16.89 -2.13
C ASN B 289 -26.43 17.78 -3.34
N VAL B 290 -25.19 17.77 -3.86
CA VAL B 290 -24.89 18.51 -5.09
C VAL B 290 -25.72 17.99 -6.25
N VAL B 291 -25.81 16.68 -6.36
CA VAL B 291 -26.63 16.08 -7.40
C VAL B 291 -28.08 16.53 -7.26
N ALA B 292 -28.60 16.48 -6.04
CA ALA B 292 -30.00 16.90 -5.79
C ALA B 292 -30.20 18.36 -6.22
N ARG B 293 -29.23 19.21 -5.94
CA ARG B 293 -29.35 20.62 -6.28
C ARG B 293 -29.32 20.79 -7.79
N LEU B 294 -28.42 20.06 -8.48
CA LEU B 294 -28.36 20.14 -9.94
C LEU B 294 -29.64 19.66 -10.61
N GLN B 295 -30.27 18.64 -10.01
CA GLN B 295 -31.55 18.13 -10.57
C GLN B 295 -32.65 19.18 -10.48
N GLN B 296 -32.66 19.93 -9.40
CA GLN B 296 -33.69 20.95 -9.30
C GLN B 296 -33.36 22.10 -10.24
N LEU B 297 -32.15 22.07 -10.76
CA LEU B 297 -31.71 23.04 -11.71
C LEU B 297 -31.76 22.42 -13.10
N GLY B 298 -32.48 21.33 -13.28
CA GLY B 298 -32.74 20.81 -14.61
C GLY B 298 -32.03 19.52 -14.92
N GLY B 299 -31.13 19.12 -14.04
CA GLY B 299 -30.38 17.87 -14.24
C GLY B 299 -31.23 16.63 -14.12
N GLY B 300 -30.80 15.54 -14.79
CA GLY B 300 -31.53 14.27 -14.66
C GLY B 300 -30.90 13.35 -13.64
N GLU B 301 -30.99 12.05 -13.92
CA GLU B 301 -30.37 11.05 -13.08
C GLU B 301 -28.87 11.06 -13.24
N ALA B 302 -28.15 10.98 -12.12
CA ALA B 302 -26.72 11.09 -12.20
C ALA B 302 -26.17 9.78 -12.77
N ILE B 303 -25.29 9.92 -13.77
CA ILE B 303 -24.64 8.77 -14.39
C ILE B 303 -23.17 8.65 -13.94
N PRO B 304 -22.86 7.60 -13.13
CA PRO B 304 -21.48 7.27 -12.81
C PRO B 304 -20.63 6.80 -14.00
N LEU B 305 -19.48 7.43 -14.20
CA LEU B 305 -18.56 6.97 -15.23
C LEU B 305 -17.82 5.72 -14.85
N GLU B 306 -17.45 4.91 -15.84
CA GLU B 306 -16.63 3.71 -15.55
C GLU B 306 -15.28 4.14 -15.02
N GLY B 307 -14.78 3.45 -14.00
CA GLY B 307 -13.44 3.81 -13.58
C GLY B 307 -12.67 2.75 -12.87
N ARG B 308 -11.38 3.08 -12.59
CA ARG B 308 -10.47 2.11 -11.96
C ARG B 308 -11.02 1.78 -10.56
N GLU B 309 -11.13 0.50 -10.24
CA GLU B 309 -11.67 0.14 -8.92
C GLU B 309 -10.57 0.24 -7.87
N GLU B 310 -10.88 0.85 -6.74
CA GLU B 310 -9.93 0.94 -5.65
C GLU B 310 -10.27 -0.12 -4.65
N ASN B 311 -9.24 -0.76 -4.10
CA ASN B 311 -9.57 -1.81 -3.09
C ASN B 311 -8.79 -1.67 -1.80
N ILE B 312 -8.05 -0.58 -1.64
CA ILE B 312 -7.19 -0.43 -0.42
C ILE B 312 -8.01 0.18 0.75
N VAL B 313 -7.80 -0.43 1.91
CA VAL B 313 -8.43 0.02 3.16
C VAL B 313 -7.34 0.03 4.24
N PHE B 314 -7.36 1.07 5.09
CA PHE B 314 -6.49 1.11 6.27
C PHE B 314 -7.40 1.07 7.53
N GLU B 315 -7.24 0.02 8.33
CA GLU B 315 -8.04 -0.12 9.55
C GLU B 315 -7.61 0.85 10.66
N VAL B 316 -8.56 1.19 11.52
CA VAL B 316 -8.24 2.03 12.68
C VAL B 316 -7.48 1.12 13.68
N PRO B 317 -6.72 1.72 14.60
CA PRO B 317 -6.04 0.94 15.60
C PRO B 317 -7.05 0.03 16.34
N LYS B 318 -6.63 -1.20 16.64
CA LYS B 318 -7.46 -2.16 17.36
C LYS B 318 -8.20 -1.58 18.59
N GLU B 319 -7.49 -0.77 19.37
CA GLU B 319 -8.05 -0.06 20.52
C GLU B 319 -9.30 0.75 20.23
N LEU B 320 -9.41 1.23 19.00
CA LEU B 320 -10.52 2.08 18.58
C LEU B 320 -11.54 1.35 17.73
N ARG B 321 -11.45 0.02 17.69
CA ARG B 321 -12.50 -0.73 17.00
C ARG B 321 -13.86 -0.49 17.66
N VAL B 322 -14.87 -0.24 16.85
CA VAL B 322 -16.27 -0.09 17.30
C VAL B 322 -17.19 -1.00 16.47
#